data_4DB5
#
_entry.id   4DB5
#
_cell.length_a   127.047
_cell.length_b   127.047
_cell.length_c   127.047
_cell.angle_alpha   90.00
_cell.angle_beta   90.00
_cell.angle_gamma   90.00
#
_symmetry.space_group_name_H-M   'F 2 3'
#
loop_
_entity.id
_entity.type
_entity.pdbx_description
1 polymer 'Tumor necrosis factor ligand superfamily member 18'
2 non-polymer 2-[3-(2-HYDROXY-1,1-DIHYDROXYMETHYL-ETHYLAMINO)-PROPYLAMINO]-2-HYDROXYMETHYL-PROPANE-1,3-DIOL
3 water water
#
_entity_poly.entity_id   1
_entity_poly.type   'polypeptide(L)'
_entity_poly.pdbx_seq_one_letter_code
;TAKEACVAKFGPLPSKWQMEPPKPSCVNKISDWKLKILQNGLYIIYGQVAPDPTYKGFAPFEVQLCKNKEAIQTLTNNSK
IQNLGGIYEFDAGDIIELRFNSDDQVLKNNTYWGIVLLVTPQFSS
;
_entity_poly.pdbx_strand_id   A
#
# COMPACT_ATOMS: atom_id res chain seq x y z
N ALA A 5 -4.28 16.88 8.48
CA ALA A 5 -4.11 15.44 8.30
C ALA A 5 -2.94 15.12 7.38
N CYS A 6 -2.62 13.84 7.27
CA CYS A 6 -1.60 13.36 6.34
C CYS A 6 -2.07 12.06 5.71
N VAL A 7 -2.39 12.12 4.43
CA VAL A 7 -2.94 10.97 3.72
C VAL A 7 -2.28 10.82 2.34
N ALA A 8 -2.22 9.59 1.84
CA ALA A 8 -1.66 9.35 0.51
C ALA A 8 -2.38 8.17 -0.12
N LYS A 9 -2.49 8.19 -1.43
CA LYS A 9 -3.10 7.10 -2.19
C LYS A 9 -2.32 6.89 -3.46
N PHE A 10 -2.04 5.64 -3.79
CA PHE A 10 -1.49 5.33 -5.10
C PHE A 10 -2.54 4.66 -5.96
N GLY A 11 -2.74 5.22 -7.15
CA GLY A 11 -3.68 4.64 -8.10
C GLY A 11 -5.13 4.99 -7.82
N PRO A 12 -6.07 4.33 -8.52
CA PRO A 12 -5.79 3.38 -9.59
C PRO A 12 -5.20 4.07 -10.81
N LEU A 13 -4.43 3.33 -11.61
CA LEU A 13 -3.87 3.90 -12.83
C LEU A 13 -5.03 4.43 -13.67
N PRO A 14 -4.83 5.54 -14.39
CA PRO A 14 -3.55 6.23 -14.62
C PRO A 14 -3.09 7.17 -13.49
N SER A 15 -3.86 7.30 -12.42
CA SER A 15 -3.37 8.09 -11.28
C SER A 15 -2.18 7.40 -10.63
N LYS A 16 -1.20 8.18 -10.22
CA LYS A 16 -0.03 7.68 -9.51
C LYS A 16 -0.14 8.05 -8.03
N TRP A 17 0.90 8.62 -7.44
CA TRP A 17 0.81 9.01 -6.04
C TRP A 17 0.04 10.31 -5.89
N GLN A 18 -0.95 10.29 -5.00
CA GLN A 18 -1.78 11.43 -4.67
C GLN A 18 -1.58 11.67 -3.18
N MET A 19 -0.96 12.80 -2.85
N MET A 19 -0.90 12.75 -2.84
CA MET A 19 -0.57 13.07 -1.48
CA MET A 19 -0.59 13.04 -1.45
C MET A 19 -1.29 14.33 -1.02
C MET A 19 -1.26 14.32 -1.00
N GLU A 20 -1.84 14.27 0.20
CA GLU A 20 -2.52 15.43 0.78
C GLU A 20 -2.04 15.61 2.22
N PRO A 21 -1.33 16.71 2.51
CA PRO A 21 -0.90 17.75 1.57
C PRO A 21 0.14 17.22 0.59
N PRO A 22 0.35 17.94 -0.54
CA PRO A 22 1.18 17.49 -1.66
C PRO A 22 2.62 17.09 -1.32
N LYS A 23 3.20 17.77 -0.35
CA LYS A 23 4.48 17.35 0.22
C LYS A 23 4.27 17.09 1.72
N PRO A 24 3.72 15.91 2.05
CA PRO A 24 3.28 15.68 3.42
C PRO A 24 4.43 15.38 4.38
N SER A 25 4.24 15.68 5.64
CA SER A 25 5.27 15.48 6.62
C SER A 25 5.47 14.01 6.93
N CYS A 26 4.43 13.19 6.73
CA CYS A 26 4.44 11.86 7.29
C CYS A 26 5.03 10.78 6.38
N VAL A 27 4.96 10.99 5.07
CA VAL A 27 5.42 9.98 4.13
C VAL A 27 6.09 10.63 2.91
N ASN A 28 6.92 9.87 2.21
N ASN A 28 6.88 9.84 2.21
CA ASN A 28 7.43 10.33 0.93
CA ASN A 28 7.51 10.26 0.96
C ASN A 28 7.34 9.21 -0.08
C ASN A 28 7.35 9.17 -0.09
N LYS A 29 6.88 9.54 -1.27
CA LYS A 29 6.77 8.55 -2.33
C LYS A 29 8.16 8.15 -2.77
N ILE A 30 8.32 6.87 -3.12
CA ILE A 30 9.59 6.37 -3.66
C ILE A 30 9.46 6.06 -5.15
N SER A 31 8.47 5.23 -5.48
CA SER A 31 8.23 4.83 -6.85
C SER A 31 6.81 4.33 -6.93
N ASP A 32 6.36 3.88 -8.10
CA ASP A 32 4.98 3.41 -8.20
C ASP A 32 4.71 2.31 -7.17
N TRP A 33 3.59 2.43 -6.45
CA TRP A 33 3.15 1.45 -5.44
C TRP A 33 3.95 1.45 -4.13
N LYS A 34 4.96 2.30 -4.02
CA LYS A 34 5.92 2.25 -2.90
C LYS A 34 6.15 3.60 -2.23
N LEU A 35 6.08 3.63 -0.90
CA LEU A 35 6.41 4.85 -0.17
C LEU A 35 7.30 4.58 1.03
N LYS A 36 7.83 5.64 1.60
CA LYS A 36 8.65 5.58 2.80
C LYS A 36 7.96 6.34 3.92
N ILE A 37 7.91 5.73 5.09
CA ILE A 37 7.38 6.40 6.29
C ILE A 37 8.43 7.37 6.80
N LEU A 38 8.02 8.61 7.08
CA LEU A 38 8.94 9.63 7.61
C LEU A 38 8.71 9.89 9.09
N GLN A 39 7.48 9.67 9.55
CA GLN A 39 7.09 10.02 10.91
C GLN A 39 6.70 8.76 11.68
N ASN A 40 7.31 8.52 12.83
CA ASN A 40 6.88 7.40 13.66
C ASN A 40 5.45 7.62 14.11
N GLY A 41 4.65 6.58 14.06
CA GLY A 41 3.27 6.72 14.52
C GLY A 41 2.39 5.58 14.15
N LEU A 42 1.08 5.77 14.36
CA LEU A 42 0.09 4.75 14.05
C LEU A 42 -0.59 5.16 12.75
N TYR A 43 -0.58 4.25 11.79
CA TYR A 43 -1.12 4.48 10.45
C TYR A 43 -2.22 3.49 10.13
N ILE A 44 -3.26 3.95 9.44
CA ILE A 44 -4.24 3.05 8.86
C ILE A 44 -3.96 2.91 7.38
N ILE A 45 -3.82 1.67 6.93
CA ILE A 45 -3.67 1.37 5.52
C ILE A 45 -5.00 0.89 4.98
N TYR A 46 -5.32 1.26 3.74
CA TYR A 46 -6.50 0.75 3.09
CA TYR A 46 -6.50 0.75 3.09
C TYR A 46 -6.17 0.49 1.63
N GLY A 47 -7.05 -0.21 0.94
CA GLY A 47 -6.78 -0.46 -0.45
C GLY A 47 -7.77 -1.40 -1.06
N GLN A 48 -7.57 -1.61 -2.36
CA GLN A 48 -8.46 -2.43 -3.14
C GLN A 48 -7.61 -3.14 -4.18
N VAL A 49 -7.76 -4.46 -4.28
CA VAL A 49 -7.03 -5.25 -5.27
C VAL A 49 -8.02 -5.91 -6.21
N ALA A 50 -7.94 -5.56 -7.49
CA ALA A 50 -8.88 -6.06 -8.49
C ALA A 50 -8.19 -7.09 -9.37
N PRO A 51 -8.56 -8.37 -9.23
CA PRO A 51 -7.92 -9.39 -10.08
C PRO A 51 -8.34 -9.23 -11.53
N ASP A 52 -7.43 -9.58 -12.44
CA ASP A 52 -7.78 -9.66 -13.85
C ASP A 52 -8.31 -11.05 -14.11
N PRO A 53 -9.62 -11.18 -14.43
CA PRO A 53 -10.23 -12.50 -14.62
C PRO A 53 -9.85 -13.15 -15.94
N THR A 54 -9.01 -12.49 -16.73
CA THR A 54 -8.53 -13.05 -18.00
C THR A 54 -7.02 -13.29 -17.99
N TYR A 55 -6.43 -13.35 -16.80
CA TYR A 55 -4.98 -13.57 -16.68
C TYR A 55 -4.52 -14.86 -17.33
N LYS A 56 -3.47 -14.78 -18.16
N LYS A 56 -3.47 -14.77 -18.15
CA LYS A 56 -3.00 -15.94 -18.91
CA LYS A 56 -3.01 -15.93 -18.91
C LYS A 56 -1.54 -16.35 -18.65
C LYS A 56 -1.53 -16.30 -18.68
N GLY A 57 -1.02 -16.00 -17.49
CA GLY A 57 0.38 -16.26 -17.17
C GLY A 57 0.62 -17.41 -16.19
N PHE A 58 1.84 -17.49 -15.68
CA PHE A 58 2.32 -18.65 -14.92
C PHE A 58 2.10 -18.56 -13.42
N ALA A 59 1.89 -17.35 -12.90
CA ALA A 59 1.96 -17.17 -11.45
C ALA A 59 0.64 -17.44 -10.75
N PRO A 60 0.71 -18.12 -9.59
CA PRO A 60 -0.47 -18.15 -8.73
C PRO A 60 -0.89 -16.73 -8.36
N PHE A 61 -2.17 -16.54 -8.11
CA PHE A 61 -2.61 -15.21 -7.74
C PHE A 61 -2.20 -14.86 -6.31
N GLU A 62 -1.42 -13.80 -6.17
CA GLU A 62 -1.06 -13.32 -4.85
C GLU A 62 -0.63 -11.87 -4.92
N VAL A 63 -1.20 -11.05 -4.04
CA VAL A 63 -0.78 -9.68 -3.92
C VAL A 63 -0.36 -9.46 -2.48
N GLN A 64 0.80 -8.85 -2.27
CA GLN A 64 1.35 -8.68 -0.93
C GLN A 64 1.45 -7.20 -0.56
N LEU A 65 0.95 -6.85 0.62
CA LEU A 65 1.30 -5.58 1.24
C LEU A 65 2.55 -5.83 2.06
N CYS A 66 3.62 -5.09 1.78
CA CYS A 66 4.92 -5.37 2.40
C CYS A 66 5.46 -4.24 3.23
N LYS A 67 6.14 -4.61 4.31
N LYS A 67 6.11 -4.60 4.34
CA LYS A 67 6.89 -3.67 5.15
CA LYS A 67 6.89 -3.66 5.13
C LYS A 67 8.34 -4.11 5.09
C LYS A 67 8.34 -4.11 5.09
N ASN A 68 9.22 -3.24 4.58
CA ASN A 68 10.64 -3.57 4.44
C ASN A 68 10.87 -4.91 3.75
N LYS A 69 10.12 -5.11 2.65
CA LYS A 69 10.24 -6.28 1.77
C LYS A 69 9.58 -7.56 2.30
N GLU A 70 8.97 -7.50 3.47
CA GLU A 70 8.26 -8.65 4.05
C GLU A 70 6.75 -8.48 4.02
N ALA A 71 6.05 -9.48 3.53
CA ALA A 71 4.59 -9.37 3.43
C ALA A 71 3.92 -9.37 4.80
N ILE A 72 3.20 -8.29 5.11
CA ILE A 72 2.40 -8.20 6.33
C ILE A 72 0.94 -8.54 6.04
N GLN A 73 0.53 -8.48 4.77
CA GLN A 73 -0.75 -9.06 4.35
C GLN A 73 -0.60 -9.69 2.99
N THR A 74 -1.33 -10.78 2.78
N THR A 74 -1.42 -10.71 2.76
CA THR A 74 -1.32 -11.44 1.47
CA THR A 74 -1.34 -11.47 1.53
C THR A 74 -2.77 -11.67 1.04
C THR A 74 -2.77 -11.73 1.03
N LEU A 75 -3.06 -11.30 -0.19
CA LEU A 75 -4.39 -11.48 -0.77
C LEU A 75 -4.28 -12.51 -1.87
N THR A 76 -5.07 -13.58 -1.78
CA THR A 76 -4.91 -14.71 -2.68
C THR A 76 -6.18 -15.15 -3.41
N ASN A 77 -7.23 -14.35 -3.33
CA ASN A 77 -8.50 -14.72 -3.95
C ASN A 77 -8.62 -14.07 -5.32
N ASN A 78 -8.56 -14.86 -6.39
CA ASN A 78 -8.59 -14.27 -7.73
C ASN A 78 -9.99 -14.05 -8.31
N SER A 79 -11.02 -14.26 -7.50
CA SER A 79 -12.41 -14.29 -8.00
C SER A 79 -13.18 -13.01 -7.78
N LYS A 80 -12.65 -12.12 -6.96
CA LYS A 80 -13.37 -10.91 -6.57
C LYS A 80 -12.39 -9.81 -6.21
N ILE A 81 -12.86 -8.57 -6.28
CA ILE A 81 -12.10 -7.46 -5.75
C ILE A 81 -11.98 -7.65 -4.25
N GLN A 82 -10.77 -7.52 -3.73
CA GLN A 82 -10.53 -7.68 -2.31
C GLN A 82 -10.12 -6.36 -1.71
N ASN A 83 -10.67 -6.05 -0.55
CA ASN A 83 -10.32 -4.84 0.13
C ASN A 83 -9.26 -5.18 1.15
N LEU A 84 -8.32 -4.27 1.37
CA LEU A 84 -7.39 -4.48 2.45
C LEU A 84 -7.47 -3.33 3.44
N GLY A 85 -7.11 -3.63 4.67
CA GLY A 85 -7.12 -2.61 5.69
C GLY A 85 -6.28 -3.11 6.83
N GLY A 86 -5.69 -2.18 7.56
CA GLY A 86 -5.00 -2.53 8.77
C GLY A 86 -4.55 -1.31 9.51
N ILE A 87 -4.26 -1.50 10.80
CA ILE A 87 -3.67 -0.46 11.62
C ILE A 87 -2.28 -0.95 12.06
N TYR A 88 -1.28 -0.09 11.89
CA TYR A 88 0.11 -0.47 12.18
C TYR A 88 0.88 0.65 12.82
N GLU A 89 1.79 0.30 13.72
CA GLU A 89 2.81 1.22 14.19
C GLU A 89 4.04 1.13 13.29
N PHE A 90 4.39 2.23 12.64
CA PHE A 90 5.57 2.25 11.75
C PHE A 90 6.65 3.18 12.28
N ASP A 91 7.88 2.93 11.83
N ASP A 91 7.89 2.91 11.85
CA ASP A 91 9.05 3.72 12.21
CA ASP A 91 9.04 3.72 12.20
C ASP A 91 9.52 4.49 10.99
C ASP A 91 9.48 4.51 10.98
N ALA A 92 10.08 5.68 11.22
CA ALA A 92 10.70 6.45 10.16
C ALA A 92 11.70 5.56 9.44
N GLY A 93 11.62 5.54 8.11
CA GLY A 93 12.50 4.73 7.30
C GLY A 93 11.84 3.47 6.78
N ASP A 94 10.71 3.07 7.39
CA ASP A 94 10.03 1.88 6.90
C ASP A 94 9.55 2.07 5.48
N ILE A 95 9.76 1.05 4.64
CA ILE A 95 9.31 1.06 3.25
C ILE A 95 8.05 0.22 3.09
N ILE A 96 6.96 0.84 2.66
CA ILE A 96 5.69 0.15 2.51
C ILE A 96 5.33 0.09 1.03
N GLU A 97 4.96 -1.10 0.56
CA GLU A 97 4.65 -1.25 -0.86
C GLU A 97 3.64 -2.34 -1.09
N LEU A 98 2.96 -2.24 -2.22
CA LEU A 98 2.06 -3.28 -2.69
C LEU A 98 2.78 -3.98 -3.83
N ARG A 99 2.88 -5.31 -3.74
N ARG A 99 2.92 -5.30 -3.71
CA ARG A 99 3.65 -6.14 -4.66
CA ARG A 99 3.60 -6.12 -4.70
C ARG A 99 2.75 -7.21 -5.28
C ARG A 99 2.60 -7.06 -5.36
N PHE A 100 2.91 -7.46 -6.58
CA PHE A 100 2.06 -8.42 -7.30
C PHE A 100 2.86 -9.62 -7.74
N ASN A 101 2.26 -10.81 -7.66
CA ASN A 101 2.93 -12.00 -8.18
C ASN A 101 3.16 -11.87 -9.69
N SER A 102 2.28 -11.13 -10.35
CA SER A 102 2.47 -10.76 -11.74
C SER A 102 1.71 -9.47 -11.98
N ASP A 103 2.34 -8.53 -12.66
CA ASP A 103 1.67 -7.29 -13.02
C ASP A 103 0.42 -7.55 -13.84
N ASP A 104 0.42 -8.65 -14.59
CA ASP A 104 -0.67 -8.96 -15.51
C ASP A 104 -1.87 -9.64 -14.84
N GLN A 105 -1.74 -10.03 -13.58
CA GLN A 105 -2.84 -10.73 -12.91
C GLN A 105 -3.75 -9.79 -12.13
N VAL A 106 -3.43 -8.50 -12.10
CA VAL A 106 -4.32 -7.50 -11.52
C VAL A 106 -4.73 -6.46 -12.56
N LEU A 107 -5.89 -5.86 -12.33
CA LEU A 107 -6.32 -4.72 -13.13
C LEU A 107 -5.86 -3.46 -12.42
N LYS A 108 -4.77 -2.90 -12.91
CA LYS A 108 -4.17 -1.75 -12.23
C LYS A 108 -5.04 -0.51 -12.32
N ASN A 109 -5.97 -0.49 -13.27
CA ASN A 109 -6.93 0.61 -13.38
C ASN A 109 -8.09 0.52 -12.37
N ASN A 110 -8.05 -0.51 -11.53
CA ASN A 110 -9.03 -0.63 -10.44
C ASN A 110 -8.41 -1.13 -9.17
N THR A 111 -7.10 -0.92 -9.03
CA THR A 111 -6.33 -1.37 -7.87
C THR A 111 -5.65 -0.16 -7.29
N TYR A 112 -5.70 -0.02 -5.97
CA TYR A 112 -5.07 1.13 -5.30
C TYR A 112 -4.77 0.79 -3.86
N TRP A 113 -3.91 1.57 -3.25
CA TRP A 113 -3.75 1.50 -1.80
C TRP A 113 -3.36 2.84 -1.27
N GLY A 114 -3.63 3.06 0.01
CA GLY A 114 -3.30 4.31 0.61
C GLY A 114 -3.09 4.20 2.10
N ILE A 115 -2.81 5.34 2.70
CA ILE A 115 -2.38 5.39 4.09
C ILE A 115 -2.88 6.68 4.73
N VAL A 116 -3.26 6.59 6.00
CA VAL A 116 -3.71 7.74 6.77
C VAL A 116 -2.95 7.75 8.09
N LEU A 117 -2.31 8.85 8.42
CA LEU A 117 -1.68 8.98 9.73
C LEU A 117 -2.79 9.20 10.75
N LEU A 118 -2.85 8.32 11.75
CA LEU A 118 -3.89 8.43 12.78
C LEU A 118 -3.43 9.27 13.96
N VAL A 119 -2.30 8.89 14.56
N VAL A 119 -2.33 8.87 14.59
CA VAL A 119 -1.73 9.62 15.69
CA VAL A 119 -1.77 9.54 15.78
C VAL A 119 -0.23 9.43 15.71
C VAL A 119 -0.25 9.37 15.79
N THR A 120 0.47 10.32 16.40
CA THR A 120 1.93 10.22 16.52
C THR A 120 2.36 10.17 18.00
N PRO A 121 2.13 9.04 18.68
CA PRO A 121 2.43 8.94 20.12
C PRO A 121 3.93 9.00 20.38
N GLN A 122 4.32 9.53 21.53
CA GLN A 122 5.72 9.52 21.91
C GLN A 122 6.25 8.09 22.00
N PHE A 123 5.39 7.16 22.41
CA PHE A 123 5.82 5.77 22.55
C PHE A 123 6.09 5.05 21.23
N SER A 124 5.79 5.70 20.12
N SER A 124 5.78 5.69 20.11
CA SER A 124 6.00 5.09 18.82
CA SER A 124 6.00 5.07 18.80
C SER A 124 7.42 5.28 18.32
C SER A 124 7.42 5.30 18.30
N SER A 125 8.22 6.02 19.07
CA SER A 125 9.63 6.22 18.74
C SER A 125 10.55 5.96 19.93
#